data_4WHM
#
_entry.id   4WHM
#
_cell.length_a   50.059
_cell.length_b   55.335
_cell.length_c   85.517
_cell.angle_alpha   90.000
_cell.angle_beta   105.040
_cell.angle_gamma   90.000
#
_symmetry.space_group_name_H-M   'P 1 21 1'
#
loop_
_entity.id
_entity.type
_entity.pdbx_description
1 polymer 'UDP-glucose:anthocyanidin 3-O-glucosyltransferase'
2 non-polymer "URIDINE-5'-DIPHOSPHATE"
3 non-polymer GLYCEROL
4 non-polymer 'ACETATE ION'
5 water water
#
_entity_poly.entity_id   1
_entity_poly.type   'polypeptide(L)'
_entity_poly.pdbx_seq_one_letter_code
;MKNKQHVAIFPFPFGSHLPPLLNLVLKLAHIAPNTSFSFIGTHSSNAFLFTKRHIPNNIRVFTISDGIPEGHVPANNPIE
KLDLFLSTGPDNLRKGIELAVAETKQSVTCIIADAFVTSSLLVAQTLNVPWIAFWPNVSCSLSLYFNIDLIRDKCSKDAK
NATLDFLPGLSKLRVEDVPQDMLDVGEKETLFSRTLNSLGVVLPQAKAVVVNFFAELDPPLFVKYMRSKLQSLLYVVPLP
CPQLLLPEIDSNGCLSWLDSKSSRSVAYVCFGTVVSPPPQEVVAVAEALEESGFPFVWALKESLLSILPKGFVERTSTRG
KVVSWVPQSHVLSHGSVGVFVTHCGANSVMESVSNGVPMICRPFFGDQGIAARVIQDIWEVGVIVEGKVFTKNGFVKSLN
LILVQEDGKKIRDNALKVKQIVQDAVGPHGQAAEDFNTLVEVISSS
;
_entity_poly.pdbx_strand_id   A
#
loop_
_chem_comp.id
_chem_comp.type
_chem_comp.name
_chem_comp.formula
ACT non-polymer 'ACETATE ION' 'C2 H3 O2 -1'
GOL non-polymer GLYCEROL 'C3 H8 O3'
UDP RNA linking URIDINE-5'-DIPHOSPHATE 'C9 H14 N2 O12 P2'
#
# COMPACT_ATOMS: atom_id res chain seq x y z
N MET A 1 0.10 13.43 38.52
CA MET A 1 0.23 14.35 37.41
C MET A 1 -0.71 13.90 36.30
N LYS A 2 -1.43 14.85 35.71
CA LYS A 2 -2.38 14.56 34.65
C LYS A 2 -1.68 14.21 33.33
N ASN A 3 -1.94 13.03 32.78
CA ASN A 3 -1.39 12.72 31.45
C ASN A 3 -2.04 13.62 30.42
N LYS A 4 -1.21 14.31 29.66
CA LYS A 4 -1.72 15.26 28.67
C LYS A 4 -1.16 14.97 27.30
N GLN A 5 -0.66 13.75 27.09
CA GLN A 5 -0.16 13.37 25.77
C GLN A 5 -1.32 13.28 24.79
N HIS A 6 -1.13 13.83 23.60
CA HIS A 6 -2.22 13.98 22.65
C HIS A 6 -1.64 13.94 21.26
N VAL A 7 -1.91 12.84 20.56
CA VAL A 7 -1.38 12.63 19.22
C VAL A 7 -2.45 12.95 18.19
N ALA A 8 -2.08 13.80 17.23
CA ALA A 8 -2.96 14.11 16.13
C ALA A 8 -2.50 13.32 14.93
N ILE A 9 -3.44 12.69 14.23
CA ILE A 9 -3.11 11.79 13.13
C ILE A 9 -3.78 12.28 11.85
N PHE A 10 -3.00 12.40 10.77
CA PHE A 10 -3.53 12.81 9.49
C PHE A 10 -3.28 11.74 8.45
N PRO A 11 -4.28 10.90 8.16
CA PRO A 11 -4.12 10.00 7.01
C PRO A 11 -4.13 10.76 5.70
N PHE A 12 -3.59 10.12 4.66
CA PHE A 12 -3.85 10.55 3.30
C PHE A 12 -5.24 9.95 3.08
N PRO A 13 -6.28 10.82 2.96
CA PRO A 13 -7.64 10.31 3.18
C PRO A 13 -8.25 9.60 1.98
N PHE A 14 -7.53 8.59 1.50
CA PHE A 14 -7.93 7.89 0.29
C PHE A 14 -7.69 6.39 0.35
N GLY A 15 -8.77 5.64 0.13
CA GLY A 15 -8.71 4.21 -0.08
C GLY A 15 -7.75 3.43 0.79
N SER A 16 -6.79 2.77 0.15
CA SER A 16 -5.97 1.80 0.87
C SER A 16 -4.90 2.44 1.75
N HIS A 17 -4.77 3.76 1.71
CA HIS A 17 -3.90 4.44 2.68
C HIS A 17 -4.54 4.45 4.08
N LEU A 18 -5.84 4.23 4.15
CA LEU A 18 -6.56 4.41 5.41
C LEU A 18 -6.40 3.27 6.44
N PRO A 19 -6.73 2.03 6.06
CA PRO A 19 -6.57 0.99 7.08
C PRO A 19 -5.16 0.82 7.71
N PRO A 20 -4.07 0.90 6.92
CA PRO A 20 -2.76 0.75 7.57
C PRO A 20 -2.48 1.79 8.66
N LEU A 21 -2.96 3.02 8.48
CA LEU A 21 -2.71 4.03 9.50
C LEU A 21 -3.62 3.84 10.72
N LEU A 22 -4.89 3.52 10.49
CA LEU A 22 -5.78 3.18 11.60
C LEU A 22 -5.20 2.01 12.38
N ASN A 23 -4.68 1.03 11.66
CA ASN A 23 -4.06 -0.14 12.29
C ASN A 23 -2.94 0.26 13.26
N LEU A 24 -2.07 1.15 12.83
CA LEU A 24 -0.99 1.60 13.70
C LEU A 24 -1.52 2.36 14.90
N VAL A 25 -2.46 3.26 14.66
CA VAL A 25 -3.07 4.03 15.74
C VAL A 25 -3.79 3.15 16.76
N LEU A 26 -4.49 2.11 16.30
CA LEU A 26 -5.13 1.16 17.21
C LEU A 26 -4.11 0.48 18.13
N LYS A 27 -2.96 0.11 17.57
CA LYS A 27 -1.92 -0.53 18.35
C LYS A 27 -1.35 0.46 19.36
N LEU A 28 -1.11 1.69 18.90
CA LEU A 28 -0.61 2.74 19.80
C LEU A 28 -1.62 3.08 20.90
N ALA A 29 -2.89 3.18 20.55
CA ALA A 29 -3.92 3.52 21.52
C ALA A 29 -4.08 2.40 22.56
N HIS A 30 -3.93 1.16 22.11
CA HIS A 30 -4.11 0.03 23.02
C HIS A 30 -3.02 -0.04 24.08
N ILE A 31 -1.79 0.28 23.69
CA ILE A 31 -0.68 0.18 24.63
C ILE A 31 -0.55 1.44 25.49
N ALA A 32 -1.15 2.53 25.04
CA ALA A 32 -1.14 3.77 25.82
C ALA A 32 -2.56 4.29 26.03
N PRO A 33 -3.36 3.57 26.83
CA PRO A 33 -4.76 3.94 27.00
C PRO A 33 -4.94 5.30 27.68
N ASN A 34 -3.91 5.83 28.32
CA ASN A 34 -4.02 7.13 28.99
C ASN A 34 -3.69 8.29 28.05
N THR A 35 -3.34 7.95 26.81
CA THR A 35 -2.95 8.96 25.83
C THR A 35 -4.08 9.19 24.83
N SER A 36 -4.29 10.45 24.42
CA SER A 36 -5.36 10.78 23.50
C SER A 36 -4.87 10.67 22.08
N PHE A 37 -5.66 10.02 21.23
CA PHE A 37 -5.34 9.94 19.81
C PHE A 37 -6.46 10.55 18.98
N SER A 38 -6.15 11.61 18.23
CA SER A 38 -7.19 12.29 17.46
C SER A 38 -6.99 12.05 15.97
N PHE A 39 -7.92 11.32 15.36
CA PHE A 39 -7.78 10.87 13.97
C PHE A 39 -8.57 11.82 13.09
N ILE A 40 -7.85 12.56 12.24
CA ILE A 40 -8.44 13.67 11.49
C ILE A 40 -8.53 13.32 10.02
N GLY A 41 -9.75 13.07 9.54
CA GLY A 41 -9.94 12.72 8.14
C GLY A 41 -11.02 13.57 7.48
N THR A 42 -11.42 13.17 6.28
CA THR A 42 -12.49 13.87 5.58
C THR A 42 -13.78 13.14 5.85
N HIS A 43 -14.91 13.73 5.46
CA HIS A 43 -16.17 13.01 5.57
C HIS A 43 -16.11 11.67 4.84
N SER A 44 -15.57 11.63 3.62
CA SER A 44 -15.53 10.35 2.91
C SER A 44 -14.54 9.34 3.51
N SER A 45 -13.39 9.79 4.01
CA SER A 45 -12.41 8.84 4.55
C SER A 45 -12.89 8.31 5.90
N ASN A 46 -13.56 9.18 6.66
CA ASN A 46 -14.13 8.73 7.93
C ASN A 46 -15.25 7.72 7.72
N ALA A 47 -16.08 7.92 6.71
CA ALA A 47 -17.15 6.96 6.44
C ALA A 47 -16.52 5.61 6.05
N PHE A 48 -15.44 5.68 5.31
CA PHE A 48 -14.75 4.49 4.81
C PHE A 48 -14.21 3.67 5.97
N LEU A 49 -13.64 4.34 6.97
CA LEU A 49 -13.00 3.64 8.08
C LEU A 49 -13.93 3.30 9.24
N PHE A 50 -14.85 4.20 9.56
CA PHE A 50 -15.51 4.12 10.86
C PHE A 50 -16.99 3.75 10.88
N THR A 51 -17.58 3.51 9.71
CA THR A 51 -19.02 3.26 9.65
C THR A 51 -19.48 2.06 10.50
N LYS A 52 -18.93 0.89 10.24
CA LYS A 52 -19.36 -0.30 10.96
C LYS A 52 -18.33 -0.72 12.00
N ARG A 53 -17.86 0.26 12.77
CA ARG A 53 -16.66 0.05 13.57
C ARG A 53 -16.73 0.65 14.97
N HIS A 54 -16.37 -0.16 15.96
CA HIS A 54 -16.18 0.31 17.33
C HIS A 54 -14.71 0.71 17.48
N ILE A 55 -14.47 1.86 18.10
CA ILE A 55 -13.09 2.28 18.33
C ILE A 55 -12.85 2.48 19.83
N PRO A 56 -11.62 2.22 20.28
CA PRO A 56 -11.18 2.45 21.65
C PRO A 56 -11.58 3.85 22.15
N ASN A 57 -11.85 3.97 23.43
CA ASN A 57 -12.32 5.25 23.95
CA ASN A 57 -12.27 5.22 24.07
C ASN A 57 -11.31 6.39 23.87
N ASN A 58 -10.02 6.07 23.68
CA ASN A 58 -9.01 7.12 23.59
C ASN A 58 -8.70 7.54 22.16
N ILE A 59 -9.47 7.02 21.21
CA ILE A 59 -9.38 7.48 19.82
C ILE A 59 -10.65 8.26 19.51
N ARG A 60 -10.50 9.47 19.00
CA ARG A 60 -11.66 10.28 18.62
C ARG A 60 -11.49 10.68 17.18
N VAL A 61 -12.59 10.78 16.44
CA VAL A 61 -12.49 11.06 15.01
C VAL A 61 -12.99 12.46 14.70
N PHE A 62 -12.23 13.21 13.89
CA PHE A 62 -12.61 14.56 13.51
C PHE A 62 -12.64 14.72 12.00
N THR A 63 -13.42 15.69 11.52
CA THR A 63 -13.64 15.84 10.08
C THR A 63 -13.15 17.20 9.56
N ILE A 64 -12.36 17.16 8.49
CA ILE A 64 -11.93 18.39 7.82
C ILE A 64 -12.38 18.33 6.36
N SER A 65 -12.12 19.40 5.62
CA SER A 65 -12.57 19.49 4.22
C SER A 65 -11.82 18.53 3.30
N ASP A 66 -12.50 18.03 2.26
CA ASP A 66 -11.85 17.22 1.24
C ASP A 66 -11.39 18.07 0.06
N GLY A 67 -11.72 19.37 0.09
CA GLY A 67 -11.27 20.29 -0.93
C GLY A 67 -12.12 20.27 -2.19
N ILE A 68 -13.24 19.55 -2.14
CA ILE A 68 -14.19 19.53 -3.24
C ILE A 68 -15.37 20.44 -2.88
N PRO A 69 -15.43 21.63 -3.49
CA PRO A 69 -16.52 22.56 -3.16
C PRO A 69 -17.84 21.97 -3.60
N GLU A 70 -18.91 22.22 -2.84
CA GLU A 70 -20.23 21.73 -3.22
CA GLU A 70 -20.23 21.74 -3.21
C GLU A 70 -20.57 22.18 -4.63
N GLY A 71 -21.01 21.23 -5.45
CA GLY A 71 -21.38 21.53 -6.83
C GLY A 71 -20.35 21.00 -7.80
N HIS A 72 -19.11 20.83 -7.33
CA HIS A 72 -18.07 20.36 -8.24
C HIS A 72 -18.15 18.85 -8.43
N VAL A 73 -17.91 18.42 -9.66
CA VAL A 73 -17.89 17.00 -9.99
C VAL A 73 -16.53 16.64 -10.61
N PRO A 74 -15.65 16.04 -9.81
CA PRO A 74 -14.31 15.66 -10.31
C PRO A 74 -14.41 14.72 -11.50
N ALA A 75 -13.39 14.74 -12.36
CA ALA A 75 -13.37 13.86 -13.51
C ALA A 75 -13.08 12.44 -13.05
N ASN A 76 -13.31 11.47 -13.92
CA ASN A 76 -13.04 10.06 -13.60
CA ASN A 76 -13.02 10.09 -13.53
C ASN A 76 -11.57 9.73 -13.78
N ASN A 77 -10.72 10.25 -12.89
CA ASN A 77 -9.32 9.90 -12.91
C ASN A 77 -8.82 9.96 -11.48
N PRO A 78 -7.91 9.05 -11.12
CA PRO A 78 -7.54 8.82 -9.72
C PRO A 78 -6.82 10.00 -9.04
N ILE A 79 -6.39 11.00 -9.82
CA ILE A 79 -5.52 12.03 -9.25
C ILE A 79 -6.29 13.29 -8.82
N GLU A 80 -7.41 13.58 -9.47
CA GLU A 80 -8.10 14.86 -9.20
C GLU A 80 -8.45 15.05 -7.71
N LYS A 81 -9.07 14.05 -7.10
CA LYS A 81 -9.46 14.21 -5.70
C LYS A 81 -8.23 14.32 -4.80
N LEU A 82 -7.14 13.68 -5.20
CA LEU A 82 -5.91 13.77 -4.43
C LEU A 82 -5.39 15.20 -4.46
N ASP A 83 -5.36 15.78 -5.67
CA ASP A 83 -4.93 17.18 -5.82
C ASP A 83 -5.80 18.13 -5.00
N LEU A 84 -7.11 17.93 -5.04
CA LEU A 84 -8.03 18.85 -4.38
C LEU A 84 -7.86 18.79 -2.86
N PHE A 85 -7.65 17.60 -2.33
CA PHE A 85 -7.39 17.52 -0.90
C PHE A 85 -6.06 18.21 -0.55
N LEU A 86 -5.01 17.88 -1.29
CA LEU A 86 -3.71 18.46 -1.00
C LEU A 86 -3.75 19.99 -1.12
N SER A 87 -4.60 20.49 -2.02
CA SER A 87 -4.71 21.93 -2.23
C SER A 87 -5.30 22.69 -1.04
N THR A 88 -5.89 21.97 -0.08
CA THR A 88 -6.50 22.65 1.06
C THR A 88 -5.45 23.19 2.03
N GLY A 89 -4.23 22.65 1.96
CA GLY A 89 -3.10 23.22 2.67
C GLY A 89 -3.15 23.05 4.17
N PRO A 90 -2.20 23.67 4.87
CA PRO A 90 -2.09 23.44 6.32
C PRO A 90 -3.26 24.04 7.10
N ASP A 91 -3.90 25.08 6.58
CA ASP A 91 -5.01 25.67 7.36
C ASP A 91 -6.20 24.73 7.56
N ASN A 92 -6.49 23.92 6.55
CA ASN A 92 -7.52 22.89 6.67
C ASN A 92 -7.14 21.88 7.74
N LEU A 93 -5.87 21.47 7.74
CA LEU A 93 -5.39 20.55 8.76
C LEU A 93 -5.50 21.17 10.14
N ARG A 94 -5.24 22.49 10.22
CA ARG A 94 -5.30 23.16 11.51
C ARG A 94 -6.72 23.31 12.05
N LYS A 95 -7.71 23.27 11.15
CA LYS A 95 -9.09 23.19 11.60
C LYS A 95 -9.29 21.88 12.36
N GLY A 96 -8.66 20.81 11.87
CA GLY A 96 -8.72 19.53 12.54
C GLY A 96 -8.04 19.57 13.90
N ILE A 97 -6.89 20.22 13.96
CA ILE A 97 -6.20 20.40 15.23
C ILE A 97 -7.10 21.12 16.23
N GLU A 98 -7.77 22.18 15.76
CA GLU A 98 -8.66 22.95 16.62
C GLU A 98 -9.74 22.07 17.23
N LEU A 99 -10.39 21.28 16.39
CA LEU A 99 -11.45 20.40 16.85
C LEU A 99 -10.94 19.41 17.90
N ALA A 100 -9.75 18.87 17.67
CA ALA A 100 -9.17 17.88 18.59
C ALA A 100 -8.83 18.52 19.92
N VAL A 101 -8.26 19.72 19.86
CA VAL A 101 -7.89 20.45 21.06
C VAL A 101 -9.14 20.83 21.85
N ALA A 102 -10.19 21.28 21.16
CA ALA A 102 -11.41 21.64 21.86
C ALA A 102 -12.06 20.44 22.56
N GLU A 103 -12.06 19.29 21.90
N GLU A 103 -12.05 19.29 21.90
CA GLU A 103 -12.68 18.10 22.48
CA GLU A 103 -12.67 18.09 22.47
C GLU A 103 -11.86 17.53 23.64
C GLU A 103 -11.87 17.52 23.63
N THR A 104 -10.56 17.34 23.43
CA THR A 104 -9.70 16.73 24.43
C THR A 104 -9.33 17.71 25.54
N LYS A 105 -9.44 19.01 25.26
CA LYS A 105 -8.94 20.07 26.14
C LYS A 105 -7.43 19.97 26.35
N GLN A 106 -6.76 19.34 25.39
CA GLN A 106 -5.31 19.13 25.47
C GLN A 106 -4.62 19.63 24.21
N SER A 107 -3.54 20.39 24.40
CA SER A 107 -2.72 20.76 23.25
C SER A 107 -2.10 19.51 22.66
N VAL A 108 -1.96 19.49 21.34
CA VAL A 108 -1.32 18.38 20.63
C VAL A 108 0.16 18.32 21.02
N THR A 109 0.68 17.12 21.26
CA THR A 109 2.09 16.95 21.66
C THR A 109 2.91 16.24 20.59
N CYS A 110 2.24 15.70 19.59
CA CYS A 110 2.91 14.89 18.58
C CYS A 110 1.96 14.69 17.40
N ILE A 111 2.52 14.72 16.20
CA ILE A 111 1.70 14.45 15.02
C ILE A 111 2.23 13.23 14.28
N ILE A 112 1.33 12.31 13.93
CA ILE A 112 1.65 11.21 13.03
C ILE A 112 0.90 11.48 11.74
N ALA A 113 1.58 11.44 10.61
CA ALA A 113 0.89 11.68 9.36
C ALA A 113 1.38 10.77 8.25
N ASP A 114 0.46 10.34 7.39
CA ASP A 114 0.85 9.72 6.14
C ASP A 114 1.80 10.69 5.44
N ALA A 115 2.91 10.17 4.94
CA ALA A 115 4.00 11.00 4.41
C ALA A 115 3.55 11.90 3.26
N PHE A 116 2.49 11.51 2.56
CA PHE A 116 2.00 12.31 1.44
C PHE A 116 1.33 13.62 1.93
N VAL A 117 0.88 13.66 3.18
CA VAL A 117 0.29 14.88 3.72
C VAL A 117 1.42 15.79 4.23
N THR A 118 2.19 16.32 3.29
CA THR A 118 3.38 17.07 3.66
C THR A 118 3.05 18.38 4.36
N SER A 119 1.85 18.91 4.12
CA SER A 119 1.41 20.11 4.82
C SER A 119 1.33 19.94 6.34
N SER A 120 1.17 18.70 6.80
CA SER A 120 1.09 18.49 8.24
C SER A 120 2.45 18.68 8.91
N LEU A 121 3.54 18.65 8.15
CA LEU A 121 4.84 19.00 8.71
C LEU A 121 4.89 20.47 9.10
N LEU A 122 4.31 21.33 8.27
CA LEU A 122 4.24 22.75 8.58
C LEU A 122 3.41 22.96 9.83
N VAL A 123 2.34 22.18 9.98
CA VAL A 123 1.50 22.23 11.16
C VAL A 123 2.29 21.85 12.41
N ALA A 124 3.06 20.76 12.32
CA ALA A 124 3.86 20.30 13.45
C ALA A 124 4.89 21.35 13.83
N GLN A 125 5.50 21.97 12.82
CA GLN A 125 6.51 23.00 13.07
C GLN A 125 5.91 24.23 13.74
N THR A 126 4.70 24.61 13.34
CA THR A 126 4.00 25.74 13.95
C THR A 126 3.72 25.47 15.43
N LEU A 127 3.34 24.23 15.73
CA LEU A 127 3.04 23.83 17.09
C LEU A 127 4.28 23.47 17.90
N ASN A 128 5.43 23.43 17.21
CA ASN A 128 6.68 22.92 17.79
C ASN A 128 6.52 21.55 18.43
N VAL A 129 5.96 20.60 17.66
CA VAL A 129 5.85 19.22 18.11
C VAL A 129 6.51 18.32 17.07
N PRO A 130 6.98 17.13 17.49
CA PRO A 130 7.57 16.22 16.51
C PRO A 130 6.57 15.76 15.45
N TRP A 131 7.08 15.54 14.24
CA TRP A 131 6.28 15.08 13.13
C TRP A 131 6.79 13.69 12.77
N ILE A 132 5.90 12.71 12.84
CA ILE A 132 6.22 11.33 12.51
C ILE A 132 5.55 10.97 11.19
N ALA A 133 6.34 10.63 10.19
CA ALA A 133 5.81 10.30 8.87
C ALA A 133 5.58 8.81 8.74
N PHE A 134 4.41 8.43 8.24
CA PHE A 134 4.03 7.04 8.08
C PHE A 134 4.10 6.68 6.59
N TRP A 135 4.68 5.52 6.28
CA TRP A 135 4.94 5.15 4.89
C TRP A 135 4.31 3.80 4.57
N PRO A 136 3.11 3.82 3.95
CA PRO A 136 2.42 2.57 3.63
C PRO A 136 2.64 2.14 2.17
N ASN A 137 3.47 2.87 1.43
CA ASN A 137 3.76 2.49 0.04
C ASN A 137 4.91 1.49 -0.01
N VAL A 138 5.29 1.06 -1.21
CA VAL A 138 6.39 0.13 -1.33
CA VAL A 138 6.42 0.15 -1.37
C VAL A 138 7.61 0.73 -0.62
N SER A 139 8.18 -0.05 0.30
CA SER A 139 9.26 0.44 1.15
C SER A 139 10.41 0.96 0.31
N CYS A 140 10.79 0.20 -0.71
CA CYS A 140 11.97 0.52 -1.51
C CYS A 140 11.88 1.84 -2.27
N SER A 141 10.67 2.33 -2.50
CA SER A 141 10.51 3.56 -3.27
C SER A 141 10.99 4.80 -2.50
N LEU A 142 11.23 4.65 -1.20
CA LEU A 142 11.76 5.76 -0.40
C LEU A 142 13.03 6.36 -0.99
N SER A 143 13.88 5.50 -1.55
CA SER A 143 15.18 5.92 -2.06
CA SER A 143 15.18 5.96 -2.04
C SER A 143 15.06 6.86 -3.26
N LEU A 144 14.03 6.64 -4.07
CA LEU A 144 13.82 7.42 -5.28
C LEU A 144 13.78 8.91 -5.00
N TYR A 145 13.12 9.28 -3.92
CA TYR A 145 12.84 10.69 -3.65
C TYR A 145 14.06 11.46 -3.18
N PHE A 146 15.14 10.75 -2.90
CA PHE A 146 16.42 11.39 -2.57
C PHE A 146 17.39 11.44 -3.74
N ASN A 147 16.90 11.03 -4.91
CA ASN A 147 17.75 10.89 -6.09
C ASN A 147 17.03 11.29 -7.36
N ILE A 148 16.12 12.25 -7.25
CA ILE A 148 15.29 12.66 -8.38
C ILE A 148 16.08 13.12 -9.59
N ASP A 149 17.12 13.93 -9.38
CA ASP A 149 17.87 14.45 -10.51
C ASP A 149 18.64 13.36 -11.25
N LEU A 150 19.23 12.44 -10.49
CA LEU A 150 19.95 11.33 -11.10
C LEU A 150 18.97 10.46 -11.85
N ILE A 151 17.81 10.21 -11.24
CA ILE A 151 16.81 9.35 -11.85
C ILE A 151 16.27 9.96 -13.15
N ARG A 152 15.91 11.25 -13.11
CA ARG A 152 15.44 11.93 -14.33
C ARG A 152 16.49 11.90 -15.42
N ASP A 153 17.75 12.16 -15.06
CA ASP A 153 18.81 12.16 -16.05
C ASP A 153 18.96 10.79 -16.71
N LYS A 154 18.94 9.73 -15.89
CA LYS A 154 19.12 8.38 -16.41
C LYS A 154 17.93 7.96 -17.27
N CYS A 155 16.72 8.28 -16.83
CA CYS A 155 15.53 7.91 -17.59
C CYS A 155 15.45 8.64 -18.93
N SER A 156 16.03 9.84 -19.02
CA SER A 156 15.99 10.59 -20.26
CA SER A 156 16.01 10.62 -20.26
C SER A 156 17.06 10.14 -21.25
N LYS A 157 18.17 9.62 -20.76
CA LYS A 157 19.31 9.29 -21.62
C LYS A 157 19.59 7.81 -21.89
N ASP A 158 19.50 6.99 -20.85
CA ASP A 158 19.88 5.60 -20.95
C ASP A 158 18.75 4.70 -21.47
N ALA A 159 19.05 3.40 -21.60
CA ALA A 159 18.09 2.44 -22.15
C ALA A 159 17.00 2.16 -21.13
N LYS A 160 15.88 1.59 -21.58
CA LYS A 160 14.78 1.33 -20.66
C LYS A 160 15.11 0.24 -19.67
N ASN A 161 16.00 -0.67 -20.05
CA ASN A 161 16.41 -1.74 -19.14
C ASN A 161 17.67 -1.44 -18.32
N ALA A 162 18.14 -0.20 -18.38
CA ALA A 162 19.36 0.17 -17.65
C ALA A 162 19.08 0.16 -16.16
N THR A 163 20.06 -0.32 -15.39
CA THR A 163 19.84 -0.48 -13.94
C THR A 163 20.21 0.80 -13.20
N LEU A 164 19.61 0.99 -12.02
CA LEU A 164 19.83 2.20 -11.24
C LEU A 164 20.86 1.91 -10.16
N ASP A 165 22.10 1.62 -10.58
CA ASP A 165 23.14 1.18 -9.65
C ASP A 165 23.52 2.24 -8.61
N PHE A 166 23.19 3.50 -8.89
CA PHE A 166 23.50 4.60 -7.98
C PHE A 166 22.60 4.58 -6.73
N LEU A 167 21.60 3.70 -6.71
CA LEU A 167 20.77 3.54 -5.51
C LEU A 167 21.27 2.36 -4.70
N PRO A 168 21.86 2.63 -3.52
CA PRO A 168 22.44 1.53 -2.75
C PRO A 168 21.40 0.46 -2.40
N GLY A 169 21.74 -0.81 -2.64
CA GLY A 169 20.83 -1.90 -2.34
C GLY A 169 19.75 -2.13 -3.39
N LEU A 170 19.62 -1.21 -4.34
CA LEU A 170 18.53 -1.26 -5.31
C LEU A 170 19.03 -1.30 -6.74
N SER A 171 20.20 -1.90 -6.94
CA SER A 171 20.80 -2.00 -8.26
C SER A 171 19.96 -2.84 -9.25
N LYS A 172 18.98 -3.59 -8.74
CA LYS A 172 18.12 -4.37 -9.62
C LYS A 172 17.00 -3.54 -10.26
N LEU A 173 16.71 -2.39 -9.66
CA LEU A 173 15.70 -1.48 -10.22
C LEU A 173 16.19 -0.94 -11.56
N ARG A 174 15.26 -0.73 -12.49
CA ARG A 174 15.62 -0.24 -13.82
C ARG A 174 14.87 1.04 -14.18
N VAL A 175 15.34 1.70 -15.23
CA VAL A 175 14.69 2.90 -15.75
C VAL A 175 13.20 2.67 -15.95
N GLU A 176 12.84 1.53 -16.54
CA GLU A 176 11.44 1.24 -16.87
C GLU A 176 10.54 1.07 -15.65
N ASP A 177 11.14 0.91 -14.47
CA ASP A 177 10.40 0.69 -13.22
C ASP A 177 10.00 1.98 -12.53
N VAL A 178 10.61 3.09 -12.94
CA VAL A 178 10.47 4.37 -12.26
C VAL A 178 9.05 4.94 -12.40
N PRO A 179 8.46 5.45 -11.30
CA PRO A 179 7.13 6.06 -11.40
C PRO A 179 7.11 7.21 -12.39
N GLN A 180 6.19 7.20 -13.34
CA GLN A 180 6.15 8.26 -14.34
C GLN A 180 5.93 9.60 -13.68
N ASP A 181 5.20 9.59 -12.57
CA ASP A 181 4.93 10.81 -11.79
C ASP A 181 6.20 11.62 -11.50
N MET A 182 7.30 10.93 -11.22
CA MET A 182 8.48 11.66 -10.74
C MET A 182 9.30 12.19 -11.90
N LEU A 183 9.00 11.72 -13.10
CA LEU A 183 9.66 12.16 -14.32
C LEU A 183 8.95 13.34 -14.98
N ASP A 184 7.62 13.42 -14.81
CA ASP A 184 6.83 14.44 -15.49
C ASP A 184 7.29 15.86 -15.12
N VAL A 185 7.43 16.69 -16.14
CA VAL A 185 7.89 18.07 -15.97
C VAL A 185 7.06 18.96 -16.89
N GLY A 186 6.47 20.01 -16.32
CA GLY A 186 5.66 20.92 -17.10
C GLY A 186 4.17 20.70 -16.86
N GLU A 187 3.38 20.84 -17.91
CA GLU A 187 1.92 20.72 -17.82
C GLU A 187 1.47 19.38 -17.24
N LYS A 188 2.27 18.34 -17.42
CA LYS A 188 1.90 17.00 -16.95
C LYS A 188 2.05 16.83 -15.44
N GLU A 189 2.79 17.75 -14.80
CA GLU A 189 2.94 17.70 -13.33
C GLU A 189 1.63 17.98 -12.64
N THR A 190 1.43 17.39 -11.47
CA THR A 190 0.22 17.62 -10.72
C THR A 190 0.64 18.00 -9.32
N LEU A 191 -0.29 18.56 -8.54
CA LEU A 191 0.02 18.87 -7.15
C LEU A 191 0.46 17.59 -6.43
N PHE A 192 -0.16 16.48 -6.79
CA PHE A 192 0.21 15.19 -6.24
C PHE A 192 1.67 14.83 -6.56
N SER A 193 2.05 14.88 -7.84
CA SER A 193 3.43 14.56 -8.22
C SER A 193 4.42 15.50 -7.55
N ARG A 194 4.08 16.79 -7.48
CA ARG A 194 4.98 17.77 -6.87
CA ARG A 194 4.99 17.76 -6.87
C ARG A 194 5.15 17.51 -5.38
N THR A 195 4.08 17.06 -4.74
CA THR A 195 4.14 16.73 -3.33
C THR A 195 5.06 15.53 -3.10
N LEU A 196 4.92 14.49 -3.93
CA LEU A 196 5.79 13.33 -3.77
C LEU A 196 7.24 13.70 -4.04
N ASN A 197 7.49 14.53 -5.05
CA ASN A 197 8.87 14.91 -5.36
C ASN A 197 9.52 15.74 -4.26
N SER A 198 8.72 16.27 -3.34
CA SER A 198 9.26 17.05 -2.23
C SER A 198 9.69 16.16 -1.07
N LEU A 199 9.42 14.86 -1.16
CA LEU A 199 9.71 13.97 -0.03
C LEU A 199 11.19 13.91 0.39
N GLY A 200 12.11 14.09 -0.55
CA GLY A 200 13.53 14.09 -0.22
C GLY A 200 13.87 15.21 0.75
N VAL A 201 13.16 16.32 0.64
CA VAL A 201 13.39 17.45 1.50
C VAL A 201 12.51 17.38 2.74
N VAL A 202 11.33 16.79 2.60
CA VAL A 202 10.38 16.71 3.71
C VAL A 202 10.77 15.65 4.76
N LEU A 203 11.05 14.44 4.31
CA LEU A 203 11.27 13.31 5.24
C LEU A 203 12.42 13.44 6.26
N PRO A 204 13.55 14.07 5.90
CA PRO A 204 14.59 14.25 6.94
C PRO A 204 14.17 15.16 8.11
N GLN A 205 13.08 15.91 7.94
CA GLN A 205 12.58 16.78 9.00
C GLN A 205 11.69 16.03 9.99
N ALA A 206 11.35 14.79 9.65
CA ALA A 206 10.53 13.97 10.54
C ALA A 206 11.35 13.47 11.74
N LYS A 207 10.73 13.53 12.92
CA LYS A 207 11.30 12.91 14.11
C LYS A 207 11.60 11.44 13.86
N ALA A 208 10.67 10.77 13.18
CA ALA A 208 10.88 9.38 12.78
C ALA A 208 10.06 9.11 11.53
N VAL A 209 10.51 8.14 10.75
CA VAL A 209 9.72 7.64 9.64
C VAL A 209 9.35 6.20 9.97
N VAL A 210 8.05 5.90 9.93
CA VAL A 210 7.57 4.57 10.28
C VAL A 210 7.12 3.85 9.01
N VAL A 211 7.81 2.77 8.67
CA VAL A 211 7.52 2.02 7.46
C VAL A 211 6.63 0.84 7.79
N ASN A 212 5.55 0.72 7.02
CA ASN A 212 4.52 -0.30 7.24
C ASN A 212 4.96 -1.60 6.59
N PHE A 213 6.11 -2.12 7.00
CA PHE A 213 6.64 -3.31 6.34
C PHE A 213 7.61 -4.07 7.24
N PHE A 214 8.31 -5.05 6.67
CA PHE A 214 9.27 -5.86 7.42
C PHE A 214 10.67 -5.51 6.99
N ALA A 215 11.49 -5.02 7.94
CA ALA A 215 12.87 -4.65 7.64
C ALA A 215 13.63 -5.85 7.08
N GLU A 216 13.27 -7.05 7.56
CA GLU A 216 13.92 -8.28 7.15
C GLU A 216 13.77 -8.57 5.67
N LEU A 217 12.81 -7.93 5.02
CA LEU A 217 12.57 -8.15 3.59
C LEU A 217 13.20 -7.11 2.66
N ASP A 218 13.58 -5.97 3.21
CA ASP A 218 14.22 -4.91 2.43
C ASP A 218 15.71 -5.21 2.31
N PRO A 219 16.33 -4.83 1.18
CA PRO A 219 17.77 -5.03 1.07
C PRO A 219 18.50 -4.29 2.19
N PRO A 220 19.35 -5.01 2.94
CA PRO A 220 20.03 -4.37 4.07
C PRO A 220 20.79 -3.10 3.69
N LEU A 221 21.40 -3.06 2.51
CA LEU A 221 22.09 -1.85 2.07
C LEU A 221 21.11 -0.70 1.85
N PHE A 222 19.91 -1.00 1.36
CA PHE A 222 18.88 0.02 1.23
C PHE A 222 18.48 0.56 2.60
N VAL A 223 18.31 -0.34 3.58
CA VAL A 223 17.96 0.10 4.91
C VAL A 223 19.04 1.02 5.49
N LYS A 224 20.30 0.61 5.34
CA LYS A 224 21.43 1.42 5.79
C LYS A 224 21.47 2.79 5.13
N TYR A 225 21.21 2.83 3.83
CA TYR A 225 21.20 4.09 3.09
C TYR A 225 20.12 5.01 3.63
N MET A 226 18.92 4.47 3.81
CA MET A 226 17.82 5.28 4.31
C MET A 226 18.07 5.76 5.74
N ARG A 227 18.70 4.94 6.57
CA ARG A 227 19.03 5.40 7.93
C ARG A 227 19.94 6.63 7.88
N SER A 228 20.78 6.71 6.86
CA SER A 228 21.72 7.83 6.75
C SER A 228 21.01 9.11 6.28
N LYS A 229 19.76 8.98 5.83
CA LYS A 229 19.04 10.13 5.30
C LYS A 229 18.02 10.67 6.30
N LEU A 230 17.63 9.84 7.27
CA LEU A 230 16.53 10.18 8.16
C LEU A 230 17.00 10.30 9.62
N GLN A 231 16.21 10.98 10.44
CA GLN A 231 16.53 11.09 11.86
C GLN A 231 16.36 9.74 12.54
N SER A 232 15.35 8.99 12.08
CA SER A 232 15.04 7.68 12.65
C SER A 232 14.16 6.90 11.67
N LEU A 233 14.52 5.64 11.44
CA LEU A 233 13.78 4.77 10.54
C LEU A 233 13.26 3.58 11.33
N LEU A 234 11.94 3.47 11.45
CA LEU A 234 11.33 2.43 12.27
C LEU A 234 10.42 1.56 11.40
N TYR A 235 10.47 0.25 11.60
CA TYR A 235 9.61 -0.66 10.85
C TYR A 235 8.59 -1.29 11.79
N VAL A 236 7.33 -0.92 11.64
CA VAL A 236 6.29 -1.49 12.48
C VAL A 236 5.50 -2.50 11.66
N VAL A 237 5.37 -3.72 12.20
CA VAL A 237 4.74 -4.83 11.50
C VAL A 237 3.36 -4.44 10.98
N PRO A 238 3.12 -4.62 9.66
CA PRO A 238 1.88 -4.12 9.04
C PRO A 238 0.68 -5.02 9.25
N LEU A 239 0.89 -6.21 9.83
CA LEU A 239 -0.19 -7.17 10.05
C LEU A 239 -1.29 -6.56 10.91
N PRO A 240 -2.55 -6.99 10.71
CA PRO A 240 -3.66 -6.31 11.39
C PRO A 240 -3.74 -6.65 12.87
N CYS A 241 -3.93 -5.63 13.71
CA CYS A 241 -4.23 -5.87 15.11
C CYS A 241 -5.69 -6.35 15.22
N PRO A 242 -6.05 -7.03 16.33
CA PRO A 242 -7.40 -7.60 16.46
C PRO A 242 -8.51 -6.58 16.16
N GLN A 243 -8.36 -5.37 16.69
CA GLN A 243 -9.41 -4.36 16.59
C GLN A 243 -9.55 -3.74 15.19
N LEU A 244 -8.62 -4.03 14.29
CA LEU A 244 -8.76 -3.53 12.91
C LEU A 244 -9.79 -4.34 12.15
N LEU A 245 -9.86 -5.62 12.48
CA LEU A 245 -10.68 -6.56 11.74
C LEU A 245 -12.16 -6.48 12.10
N LEU A 246 -13.00 -6.78 11.13
CA LEU A 246 -14.41 -7.02 11.38
C LEU A 246 -14.55 -8.54 11.44
N PRO A 247 -15.71 -9.05 11.90
CA PRO A 247 -15.85 -10.50 11.75
C PRO A 247 -15.83 -10.80 10.27
N GLU A 248 -15.04 -11.79 9.86
CA GLU A 248 -14.90 -12.09 8.44
C GLU A 248 -16.21 -12.62 7.88
N ILE A 249 -16.61 -12.11 6.72
CA ILE A 249 -17.79 -12.62 6.03
C ILE A 249 -17.38 -13.07 4.62
N ASP A 250 -18.28 -13.77 3.92
CA ASP A 250 -17.95 -14.35 2.63
C ASP A 250 -19.22 -14.47 1.78
N SER A 251 -19.75 -13.32 1.36
CA SER A 251 -21.03 -13.26 0.66
C SER A 251 -21.01 -13.99 -0.67
N ASN A 252 -19.81 -14.27 -1.17
CA ASN A 252 -19.64 -15.02 -2.42
C ASN A 252 -19.23 -16.46 -2.19
N GLY A 253 -19.00 -16.84 -0.94
CA GLY A 253 -18.60 -18.19 -0.62
C GLY A 253 -17.24 -18.58 -1.20
N CYS A 254 -16.31 -17.63 -1.17
CA CYS A 254 -14.98 -17.84 -1.76
C CYS A 254 -14.20 -18.91 -1.03
N LEU A 255 -14.22 -18.82 0.30
CA LEU A 255 -13.43 -19.71 1.14
C LEU A 255 -13.93 -21.14 1.07
N SER A 256 -15.25 -21.31 1.05
CA SER A 256 -15.81 -22.64 0.95
C SER A 256 -15.51 -23.22 -0.43
N TRP A 257 -15.56 -22.37 -1.44
CA TRP A 257 -15.21 -22.82 -2.78
C TRP A 257 -13.73 -23.23 -2.81
N LEU A 258 -12.87 -22.41 -2.23
CA LEU A 258 -11.45 -22.74 -2.16
C LEU A 258 -11.19 -24.06 -1.41
N ASP A 259 -12.01 -24.36 -0.40
CA ASP A 259 -11.88 -25.61 0.36
C ASP A 259 -11.99 -26.83 -0.52
N SER A 260 -12.75 -26.72 -1.60
CA SER A 260 -12.99 -27.83 -2.51
C SER A 260 -11.82 -28.00 -3.49
N LYS A 261 -10.86 -27.07 -3.44
CA LYS A 261 -9.74 -27.13 -4.37
C LYS A 261 -8.50 -27.67 -3.69
N SER A 262 -7.55 -28.14 -4.47
CA SER A 262 -6.36 -28.73 -3.89
C SER A 262 -5.27 -27.70 -3.64
N SER A 263 -4.32 -28.07 -2.80
CA SER A 263 -3.21 -27.21 -2.39
C SER A 263 -2.52 -26.47 -3.54
N ARG A 264 -2.38 -25.16 -3.40
CA ARG A 264 -1.63 -24.31 -4.33
C ARG A 264 -2.00 -24.53 -5.80
N SER A 265 -3.29 -24.72 -6.08
CA SER A 265 -3.75 -25.01 -7.44
C SER A 265 -4.50 -23.84 -8.09
N VAL A 266 -4.94 -22.89 -7.28
CA VAL A 266 -5.86 -21.83 -7.74
C VAL A 266 -5.16 -20.52 -8.04
N ALA A 267 -5.53 -19.87 -9.15
CA ALA A 267 -5.01 -18.53 -9.43
C ALA A 267 -6.01 -17.52 -8.89
N TYR A 268 -5.55 -16.65 -7.99
CA TYR A 268 -6.39 -15.55 -7.52
C TYR A 268 -5.97 -14.29 -8.26
N VAL A 269 -6.96 -13.59 -8.82
CA VAL A 269 -6.68 -12.47 -9.70
C VAL A 269 -7.38 -11.21 -9.20
N CYS A 270 -6.64 -10.13 -9.02
CA CYS A 270 -7.27 -8.87 -8.65
C CYS A 270 -6.37 -7.68 -8.93
N PHE A 271 -6.93 -6.62 -9.49
CA PHE A 271 -6.13 -5.45 -9.80
C PHE A 271 -6.32 -4.30 -8.83
N GLY A 272 -6.88 -4.62 -7.66
CA GLY A 272 -7.06 -3.63 -6.63
C GLY A 272 -8.30 -2.78 -6.84
N THR A 273 -8.35 -1.66 -6.14
CA THR A 273 -9.56 -0.87 -6.05
C THR A 273 -9.51 0.41 -6.86
N VAL A 274 -8.36 0.69 -7.49
CA VAL A 274 -8.17 1.95 -8.21
C VAL A 274 -8.00 1.73 -9.71
N VAL A 275 -7.12 0.81 -10.07
CA VAL A 275 -6.82 0.49 -11.47
C VAL A 275 -8.05 0.29 -12.33
N SER A 276 -8.14 1.09 -13.40
CA SER A 276 -9.07 0.83 -14.49
C SER A 276 -8.27 0.19 -15.63
N PRO A 277 -8.25 -1.14 -15.67
CA PRO A 277 -7.41 -1.79 -16.68
C PRO A 277 -7.94 -1.54 -18.09
N PRO A 278 -7.04 -1.44 -19.07
CA PRO A 278 -7.50 -1.32 -20.46
C PRO A 278 -8.43 -2.48 -20.78
N PRO A 279 -9.55 -2.20 -21.45
CA PRO A 279 -10.53 -3.25 -21.77
C PRO A 279 -9.88 -4.41 -22.51
N GLN A 280 -8.95 -4.10 -23.41
CA GLN A 280 -8.26 -5.16 -24.15
CA GLN A 280 -8.22 -5.12 -24.16
C GLN A 280 -7.49 -6.10 -23.21
N GLU A 281 -7.00 -5.58 -22.09
CA GLU A 281 -6.29 -6.45 -21.14
C GLU A 281 -7.23 -7.24 -20.26
N VAL A 282 -8.41 -6.68 -19.97
CA VAL A 282 -9.44 -7.44 -19.28
C VAL A 282 -9.83 -8.64 -20.14
N VAL A 283 -10.03 -8.42 -21.43
CA VAL A 283 -10.36 -9.51 -22.33
C VAL A 283 -9.23 -10.54 -22.35
N ALA A 284 -7.99 -10.08 -22.34
CA ALA A 284 -6.82 -10.96 -22.39
C ALA A 284 -6.73 -11.82 -21.14
N VAL A 285 -6.99 -11.22 -19.98
CA VAL A 285 -6.98 -11.95 -18.73
C VAL A 285 -8.02 -13.07 -18.77
N ALA A 286 -9.21 -12.75 -19.28
CA ALA A 286 -10.28 -13.75 -19.33
C ALA A 286 -9.90 -14.89 -20.27
N GLU A 287 -9.42 -14.54 -21.46
CA GLU A 287 -9.06 -15.55 -22.46
C GLU A 287 -7.98 -16.47 -21.94
N ALA A 288 -6.99 -15.89 -21.26
CA ALA A 288 -5.89 -16.66 -20.70
C ALA A 288 -6.35 -17.56 -19.55
N LEU A 289 -7.14 -17.00 -18.63
CA LEU A 289 -7.67 -17.81 -17.54
C LEU A 289 -8.42 -19.02 -18.10
N GLU A 290 -9.32 -18.79 -19.06
CA GLU A 290 -10.12 -19.89 -19.62
C GLU A 290 -9.23 -20.90 -20.31
N GLU A 291 -8.35 -20.42 -21.17
CA GLU A 291 -7.46 -21.27 -21.96
C GLU A 291 -6.56 -22.11 -21.07
N SER A 292 -6.13 -21.54 -19.93
CA SER A 292 -5.15 -22.18 -19.05
C SER A 292 -5.68 -23.45 -18.43
N GLY A 293 -6.99 -23.50 -18.22
CA GLY A 293 -7.62 -24.66 -17.61
C GLY A 293 -7.54 -24.66 -16.09
N PHE A 294 -6.83 -23.70 -15.50
CA PHE A 294 -6.61 -23.71 -14.05
C PHE A 294 -7.83 -23.21 -13.32
N PRO A 295 -8.02 -23.62 -12.07
CA PRO A 295 -9.11 -23.02 -11.30
C PRO A 295 -8.71 -21.61 -10.91
N PHE A 296 -9.67 -20.70 -10.83
CA PHE A 296 -9.33 -19.31 -10.53
C PHE A 296 -10.43 -18.60 -9.75
N VAL A 297 -10.03 -17.62 -8.95
CA VAL A 297 -10.96 -16.65 -8.39
C VAL A 297 -10.53 -15.28 -8.90
N TRP A 298 -11.44 -14.56 -9.55
CA TRP A 298 -11.15 -13.25 -10.12
C TRP A 298 -12.07 -12.24 -9.45
N ALA A 299 -11.50 -11.38 -8.62
CA ALA A 299 -12.23 -10.28 -8.03
C ALA A 299 -12.15 -9.14 -9.02
N LEU A 300 -13.32 -8.77 -9.56
CA LEU A 300 -13.43 -7.88 -10.69
C LEU A 300 -14.64 -6.97 -10.47
N LYS A 301 -14.47 -5.65 -10.58
CA LYS A 301 -15.60 -4.74 -10.40
C LYS A 301 -16.73 -5.09 -11.35
N GLU A 302 -17.97 -5.02 -10.88
CA GLU A 302 -19.09 -5.51 -11.69
C GLU A 302 -19.32 -4.67 -12.94
N SER A 303 -18.79 -3.45 -12.95
CA SER A 303 -18.93 -2.59 -14.13
C SER A 303 -18.12 -3.15 -15.30
N LEU A 304 -17.18 -4.05 -14.98
CA LEU A 304 -16.34 -4.64 -16.02
C LEU A 304 -16.89 -5.96 -16.57
N LEU A 305 -17.99 -6.47 -15.99
CA LEU A 305 -18.58 -7.72 -16.44
C LEU A 305 -19.03 -7.67 -17.90
N SER A 306 -19.51 -6.50 -18.33
CA SER A 306 -20.06 -6.34 -19.67
C SER A 306 -19.00 -6.50 -20.76
N ILE A 307 -17.74 -6.37 -20.42
CA ILE A 307 -16.71 -6.43 -21.45
C ILE A 307 -15.93 -7.75 -21.43
N LEU A 308 -16.28 -8.63 -20.50
CA LEU A 308 -15.74 -9.98 -20.54
C LEU A 308 -16.25 -10.64 -21.81
N PRO A 309 -15.47 -11.58 -22.37
CA PRO A 309 -15.92 -12.29 -23.56
C PRO A 309 -17.30 -12.94 -23.35
N LYS A 310 -18.09 -13.00 -24.42
CA LYS A 310 -19.41 -13.61 -24.35
C LYS A 310 -19.27 -15.08 -23.97
N GLY A 311 -19.96 -15.48 -22.89
CA GLY A 311 -19.94 -16.86 -22.43
C GLY A 311 -18.74 -17.29 -21.60
N PHE A 312 -17.80 -16.38 -21.35
CA PHE A 312 -16.59 -16.74 -20.60
C PHE A 312 -16.91 -17.20 -19.19
N VAL A 313 -17.74 -16.42 -18.49
CA VAL A 313 -18.08 -16.75 -17.11
C VAL A 313 -18.87 -18.06 -17.09
N GLU A 314 -19.78 -18.20 -18.05
CA GLU A 314 -20.60 -19.40 -18.12
C GLU A 314 -19.77 -20.65 -18.46
N ARG A 315 -18.87 -20.55 -19.43
CA ARG A 315 -18.05 -21.71 -19.80
C ARG A 315 -17.09 -22.12 -18.68
N THR A 316 -16.66 -21.17 -17.85
CA THR A 316 -15.68 -21.47 -16.82
C THR A 316 -16.33 -21.64 -15.45
N SER A 317 -17.66 -21.70 -15.43
CA SER A 317 -18.38 -21.68 -14.16
C SER A 317 -18.03 -22.83 -13.22
N THR A 318 -17.65 -23.99 -13.78
CA THR A 318 -17.36 -25.13 -12.91
C THR A 318 -15.94 -25.11 -12.36
N ARG A 319 -15.09 -24.22 -12.86
CA ARG A 319 -13.72 -24.15 -12.38
C ARG A 319 -13.29 -22.75 -11.97
N GLY A 320 -14.17 -21.78 -12.12
CA GLY A 320 -13.78 -20.40 -11.82
C GLY A 320 -14.87 -19.64 -11.11
N LYS A 321 -14.48 -18.64 -10.33
CA LYS A 321 -15.43 -17.75 -9.70
C LYS A 321 -15.06 -16.32 -10.08
N VAL A 322 -16.01 -15.59 -10.67
CA VAL A 322 -15.81 -14.18 -10.99
C VAL A 322 -16.76 -13.37 -10.14
N VAL A 323 -16.20 -12.61 -9.20
CA VAL A 323 -17.01 -11.94 -8.21
C VAL A 323 -16.55 -10.50 -8.02
N SER A 324 -17.41 -9.65 -7.43
CA SER A 324 -17.13 -8.22 -7.33
C SER A 324 -16.13 -7.88 -6.21
N TRP A 325 -16.16 -8.66 -5.14
CA TRP A 325 -15.35 -8.37 -3.95
C TRP A 325 -15.12 -9.64 -3.15
N VAL A 326 -13.90 -9.81 -2.63
CA VAL A 326 -13.57 -10.94 -1.77
C VAL A 326 -12.88 -10.43 -0.52
N PRO A 327 -12.92 -11.22 0.57
CA PRO A 327 -12.07 -10.92 1.72
C PRO A 327 -10.65 -11.30 1.33
N GLN A 328 -9.94 -10.37 0.67
CA GLN A 328 -8.70 -10.75 -0.01
C GLN A 328 -7.62 -11.32 0.92
N SER A 329 -7.44 -10.74 2.10
CA SER A 329 -6.39 -11.25 2.98
C SER A 329 -6.68 -12.69 3.43
N HIS A 330 -7.95 -13.04 3.58
CA HIS A 330 -8.32 -14.41 3.92
C HIS A 330 -8.25 -15.35 2.71
N VAL A 331 -8.51 -14.82 1.51
CA VAL A 331 -8.29 -15.62 0.30
C VAL A 331 -6.80 -15.94 0.15
N LEU A 332 -5.96 -14.94 0.32
CA LEU A 332 -4.51 -15.15 0.20
C LEU A 332 -3.94 -16.09 1.27
N SER A 333 -4.65 -16.23 2.39
CA SER A 333 -4.19 -17.09 3.47
C SER A 333 -4.68 -18.52 3.25
N HIS A 334 -5.44 -18.76 2.19
CA HIS A 334 -6.00 -20.10 1.94
C HIS A 334 -5.01 -20.98 1.19
N GLY A 335 -4.81 -22.19 1.70
CA GLY A 335 -3.76 -23.06 1.17
C GLY A 335 -3.95 -23.45 -0.28
N SER A 336 -5.19 -23.37 -0.76
CA SER A 336 -5.48 -23.73 -2.15
C SER A 336 -5.01 -22.71 -3.20
N VAL A 337 -4.75 -21.48 -2.78
CA VAL A 337 -4.28 -20.45 -3.70
C VAL A 337 -2.81 -20.65 -4.02
N GLY A 338 -2.47 -20.77 -5.30
CA GLY A 338 -1.12 -21.08 -5.73
C GLY A 338 -0.39 -19.92 -6.40
N VAL A 339 -1.15 -18.92 -6.84
CA VAL A 339 -0.54 -17.72 -7.43
C VAL A 339 -1.51 -16.55 -7.30
N PHE A 340 -0.95 -15.34 -7.14
CA PHE A 340 -1.74 -14.12 -7.02
C PHE A 340 -1.34 -13.27 -8.22
N VAL A 341 -2.31 -13.00 -9.09
CA VAL A 341 -2.08 -12.15 -10.24
C VAL A 341 -2.49 -10.74 -9.79
N THR A 342 -1.52 -9.84 -9.72
CA THR A 342 -1.72 -8.60 -9.00
C THR A 342 -1.17 -7.37 -9.71
N HIS A 343 -1.71 -6.21 -9.37
CA HIS A 343 -1.20 -4.95 -9.90
C HIS A 343 -0.03 -4.45 -9.06
N CYS A 344 0.24 -5.16 -7.96
CA CYS A 344 1.34 -4.86 -7.03
C CYS A 344 1.13 -3.64 -6.16
N GLY A 345 -0.11 -3.35 -5.77
CA GLY A 345 -0.32 -2.33 -4.75
C GLY A 345 0.33 -2.80 -3.47
N ALA A 346 0.84 -1.88 -2.66
CA ALA A 346 1.65 -2.26 -1.50
C ALA A 346 0.92 -3.18 -0.51
N ASN A 347 -0.35 -2.93 -0.27
CA ASN A 347 -1.07 -3.73 0.70
C ASN A 347 -1.33 -5.16 0.20
N SER A 348 -1.69 -5.27 -1.07
CA SER A 348 -1.85 -6.59 -1.70
C SER A 348 -0.54 -7.35 -1.63
N VAL A 349 0.56 -6.68 -1.93
CA VAL A 349 1.86 -7.34 -1.92
C VAL A 349 2.19 -7.83 -0.51
N MET A 350 1.93 -6.98 0.49
CA MET A 350 2.16 -7.39 1.87
C MET A 350 1.39 -8.65 2.21
N GLU A 351 0.11 -8.67 1.84
CA GLU A 351 -0.76 -9.81 2.15
C GLU A 351 -0.27 -11.06 1.44
N SER A 352 0.25 -10.89 0.24
CA SER A 352 0.74 -12.06 -0.51
C SER A 352 2.02 -12.65 0.07
N VAL A 353 3.01 -11.80 0.37
CA VAL A 353 4.29 -12.34 0.82
C VAL A 353 4.17 -12.90 2.22
N SER A 354 3.29 -12.32 3.03
CA SER A 354 3.12 -12.80 4.39
C SER A 354 2.37 -14.14 4.41
N ASN A 355 1.72 -14.48 3.31
CA ASN A 355 1.02 -15.75 3.22
C ASN A 355 1.68 -16.79 2.31
N GLY A 356 2.87 -16.47 1.80
CA GLY A 356 3.63 -17.43 0.99
C GLY A 356 3.08 -17.66 -0.40
N VAL A 357 2.34 -16.68 -0.92
CA VAL A 357 1.79 -16.81 -2.27
C VAL A 357 2.65 -16.08 -3.30
N PRO A 358 3.15 -16.81 -4.32
CA PRO A 358 3.96 -16.17 -5.35
C PRO A 358 3.08 -15.37 -6.29
N MET A 359 3.66 -14.45 -7.06
CA MET A 359 2.86 -13.49 -7.82
C MET A 359 3.21 -13.40 -9.29
N ILE A 360 2.21 -13.05 -10.09
CA ILE A 360 2.41 -12.67 -11.48
C ILE A 360 2.02 -11.21 -11.53
N CYS A 361 2.94 -10.36 -11.95
CA CYS A 361 2.81 -8.92 -11.74
C CYS A 361 2.52 -8.14 -13.03
N ARG A 362 1.55 -7.25 -12.98
CA ARG A 362 1.32 -6.29 -14.08
C ARG A 362 1.12 -4.95 -13.40
N PRO A 363 2.22 -4.22 -13.16
CA PRO A 363 2.12 -2.93 -12.46
C PRO A 363 1.45 -1.92 -13.38
N PHE A 364 0.57 -1.07 -12.86
CA PHE A 364 -0.15 -0.14 -13.72
C PHE A 364 0.27 1.31 -13.56
N PHE A 365 0.49 1.74 -12.31
CA PHE A 365 0.83 3.14 -12.06
C PHE A 365 1.62 3.34 -10.78
N GLY A 366 2.00 4.58 -10.53
CA GLY A 366 2.65 4.94 -9.27
C GLY A 366 3.89 4.12 -9.05
N ASP A 367 4.05 3.57 -7.85
CA ASP A 367 5.24 2.81 -7.52
C ASP A 367 5.05 1.31 -7.63
N GLN A 368 4.00 0.89 -8.34
CA GLN A 368 3.75 -0.54 -8.53
C GLN A 368 4.88 -1.21 -9.30
N GLY A 369 5.52 -0.44 -10.19
CA GLY A 369 6.63 -0.95 -10.99
C GLY A 369 7.82 -1.29 -10.13
N ILE A 370 8.02 -0.49 -9.08
CA ILE A 370 9.10 -0.78 -8.14
C ILE A 370 8.79 -2.07 -7.41
N ALA A 371 7.57 -2.21 -6.92
CA ALA A 371 7.18 -3.44 -6.25
C ALA A 371 7.36 -4.66 -7.15
N ALA A 372 6.92 -4.53 -8.40
CA ALA A 372 7.04 -5.64 -9.35
C ALA A 372 8.50 -6.05 -9.54
N ARG A 373 9.38 -5.07 -9.68
CA ARG A 373 10.80 -5.39 -9.84
C ARG A 373 11.37 -6.10 -8.61
N VAL A 374 11.04 -5.60 -7.42
CA VAL A 374 11.48 -6.24 -6.18
C VAL A 374 10.97 -7.68 -6.11
N ILE A 375 9.69 -7.87 -6.43
CA ILE A 375 9.12 -9.22 -6.41
C ILE A 375 9.88 -10.16 -7.36
N GLN A 376 10.13 -9.71 -8.59
CA GLN A 376 10.76 -10.61 -9.57
C GLN A 376 12.27 -10.78 -9.39
N ASP A 377 12.97 -9.67 -9.14
CA ASP A 377 14.44 -9.69 -9.23
C ASP A 377 15.19 -9.68 -7.89
N ILE A 378 14.50 -9.30 -6.82
CA ILE A 378 15.14 -9.25 -5.51
C ILE A 378 14.66 -10.42 -4.64
N TRP A 379 13.38 -10.41 -4.27
CA TRP A 379 12.79 -11.52 -3.51
C TRP A 379 12.73 -12.79 -4.33
N GLU A 380 12.55 -12.63 -5.63
CA GLU A 380 12.38 -13.77 -6.54
C GLU A 380 11.20 -14.64 -6.10
N VAL A 381 10.07 -13.99 -5.83
CA VAL A 381 8.86 -14.70 -5.43
C VAL A 381 7.75 -14.51 -6.47
N GLY A 382 8.14 -14.14 -7.69
CA GLY A 382 7.17 -13.95 -8.74
C GLY A 382 7.77 -13.50 -10.05
N VAL A 383 6.92 -13.25 -11.04
CA VAL A 383 7.38 -12.76 -12.34
C VAL A 383 6.55 -11.57 -12.77
N ILE A 384 7.15 -10.70 -13.56
CA ILE A 384 6.39 -9.65 -14.22
C ILE A 384 5.83 -10.32 -15.47
N VAL A 385 4.54 -10.13 -15.72
CA VAL A 385 3.89 -10.86 -16.79
C VAL A 385 4.66 -10.69 -18.12
N GLU A 386 4.77 -11.78 -18.87
CA GLU A 386 5.55 -11.78 -20.11
C GLU A 386 4.99 -10.75 -21.10
N GLY A 387 5.80 -9.76 -21.46
CA GLY A 387 5.37 -8.70 -22.35
C GLY A 387 5.03 -7.40 -21.63
N LYS A 388 4.93 -7.48 -20.30
CA LYS A 388 4.69 -6.32 -19.43
C LYS A 388 3.25 -5.78 -19.49
N VAL A 389 2.43 -6.39 -20.34
CA VAL A 389 0.98 -6.17 -20.32
C VAL A 389 0.33 -7.54 -20.48
N PHE A 390 -0.93 -7.66 -20.06
CA PHE A 390 -1.59 -8.95 -20.21
C PHE A 390 -1.88 -9.24 -21.67
N THR A 391 -1.41 -10.41 -22.11
CA THR A 391 -1.78 -10.95 -23.41
C THR A 391 -2.22 -12.38 -23.11
N LYS A 392 -3.01 -12.96 -23.99
CA LYS A 392 -3.46 -14.34 -23.75
C LYS A 392 -2.30 -15.31 -23.66
N ASN A 393 -1.44 -15.32 -24.67
CA ASN A 393 -0.35 -16.29 -24.70
C ASN A 393 0.67 -16.07 -23.58
N GLY A 394 1.01 -14.80 -23.33
CA GLY A 394 1.99 -14.48 -22.31
C GLY A 394 1.52 -14.82 -20.90
N PHE A 395 0.26 -14.51 -20.61
CA PHE A 395 -0.30 -14.72 -19.27
C PHE A 395 -0.48 -16.23 -19.05
N VAL A 396 -0.92 -16.96 -20.08
CA VAL A 396 -0.99 -18.42 -19.99
C VAL A 396 0.36 -19.02 -19.61
N LYS A 397 1.42 -18.52 -20.24
CA LYS A 397 2.77 -18.99 -19.93
C LYS A 397 3.17 -18.70 -18.48
N SER A 398 2.83 -17.51 -17.99
CA SER A 398 3.16 -17.15 -16.61
C SER A 398 2.41 -18.02 -15.62
N LEU A 399 1.14 -18.28 -15.92
CA LEU A 399 0.32 -19.14 -15.07
C LEU A 399 0.91 -20.54 -14.97
N ASN A 400 1.31 -21.10 -16.11
CA ASN A 400 1.91 -22.43 -16.11
C ASN A 400 3.23 -22.49 -15.35
N LEU A 401 4.06 -21.47 -15.55
CA LEU A 401 5.36 -21.42 -14.90
C LEU A 401 5.25 -21.49 -13.37
N ILE A 402 4.40 -20.65 -12.79
CA ILE A 402 4.25 -20.58 -11.34
C ILE A 402 3.44 -21.76 -10.77
N LEU A 403 2.30 -22.06 -11.38
CA LEU A 403 1.43 -23.09 -10.80
C LEU A 403 1.94 -24.52 -10.94
N VAL A 404 2.56 -24.85 -12.07
CA VAL A 404 2.87 -26.25 -12.35
C VAL A 404 4.31 -26.59 -12.74
N GLN A 405 4.95 -25.76 -13.55
CA GLN A 405 6.22 -26.14 -14.14
C GLN A 405 7.39 -26.23 -13.15
N GLU A 406 8.27 -27.20 -13.41
CA GLU A 406 9.48 -27.38 -12.62
C GLU A 406 10.30 -26.11 -12.63
N ASP A 407 10.24 -25.39 -13.74
CA ASP A 407 10.94 -24.11 -13.89
C ASP A 407 10.47 -23.03 -12.92
N GLY A 408 9.29 -23.21 -12.32
CA GLY A 408 8.79 -22.29 -11.32
C GLY A 408 9.10 -22.71 -9.89
N LYS A 409 9.79 -23.83 -9.73
CA LYS A 409 10.03 -24.36 -8.38
C LYS A 409 10.79 -23.39 -7.48
N LYS A 410 11.84 -22.77 -8.03
CA LYS A 410 12.62 -21.81 -7.26
C LYS A 410 11.75 -20.68 -6.68
N ILE A 411 10.86 -20.14 -7.52
CA ILE A 411 9.96 -19.08 -7.09
C ILE A 411 8.99 -19.58 -6.02
N ARG A 412 8.43 -20.78 -6.21
CA ARG A 412 7.51 -21.33 -5.22
C ARG A 412 8.26 -21.55 -3.90
N ASP A 413 9.48 -22.04 -3.99
CA ASP A 413 10.28 -22.30 -2.80
C ASP A 413 10.61 -21.00 -2.06
N ASN A 414 10.91 -19.96 -2.83
CA ASN A 414 11.22 -18.66 -2.26
C ASN A 414 10.03 -18.05 -1.55
N ALA A 415 8.83 -18.22 -2.11
CA ALA A 415 7.63 -17.69 -1.48
C ALA A 415 7.46 -18.29 -0.10
N LEU A 416 7.72 -19.59 0.03
CA LEU A 416 7.62 -20.22 1.35
C LEU A 416 8.71 -19.72 2.30
N LYS A 417 9.92 -19.51 1.80
CA LYS A 417 11.01 -19.01 2.63
C LYS A 417 10.70 -17.62 3.14
N VAL A 418 10.14 -16.78 2.28
CA VAL A 418 9.79 -15.43 2.66
C VAL A 418 8.66 -15.41 3.71
N LYS A 419 7.72 -16.35 3.58
CA LYS A 419 6.65 -16.48 4.57
C LYS A 419 7.25 -16.77 5.94
N GLN A 420 8.21 -17.68 5.99
CA GLN A 420 8.87 -18.03 7.26
C GLN A 420 9.64 -16.85 7.83
N ILE A 421 10.28 -16.07 6.97
CA ILE A 421 10.98 -14.86 7.39
C ILE A 421 10.01 -13.89 8.07
N VAL A 422 8.85 -13.69 7.45
CA VAL A 422 7.82 -12.84 8.03
C VAL A 422 7.37 -13.41 9.37
N GLN A 423 7.09 -14.71 9.41
CA GLN A 423 6.64 -15.33 10.66
C GLN A 423 7.66 -15.17 11.78
N ASP A 424 8.93 -15.27 11.43
CA ASP A 424 9.99 -15.08 12.43
C ASP A 424 10.18 -13.60 12.82
N ALA A 425 9.74 -12.69 11.95
CA ALA A 425 9.96 -11.26 12.16
C ALA A 425 8.95 -10.60 13.11
N VAL A 426 7.78 -11.23 13.27
CA VAL A 426 6.69 -10.63 14.02
C VAL A 426 6.68 -11.08 15.47
N GLY A 427 7.77 -11.73 15.90
CA GLY A 427 7.89 -12.21 17.25
C GLY A 427 8.14 -11.13 18.28
N PRO A 428 8.03 -11.48 19.57
CA PRO A 428 8.10 -10.54 20.70
C PRO A 428 9.50 -9.99 20.89
N HIS A 429 10.49 -10.70 20.37
CA HIS A 429 11.89 -10.33 20.54
C HIS A 429 12.46 -9.76 19.26
N GLY A 430 11.63 -9.67 18.23
CA GLY A 430 12.07 -9.14 16.95
C GLY A 430 12.46 -7.68 17.00
N GLN A 431 13.24 -7.23 16.03
CA GLN A 431 13.63 -5.83 15.93
C GLN A 431 12.39 -4.94 15.69
N ALA A 432 11.39 -5.49 15.00
CA ALA A 432 10.17 -4.74 14.73
C ALA A 432 9.44 -4.45 16.05
N ALA A 433 9.46 -5.41 16.97
CA ALA A 433 8.86 -5.18 18.28
C ALA A 433 9.59 -4.07 19.02
N GLU A 434 10.91 -4.04 18.87
CA GLU A 434 11.70 -2.95 19.47
C GLU A 434 11.37 -1.60 18.82
N ASP A 435 11.24 -1.59 17.50
CA ASP A 435 10.93 -0.35 16.79
C ASP A 435 9.58 0.19 17.22
N PHE A 436 8.62 -0.70 17.45
CA PHE A 436 7.32 -0.27 17.94
C PHE A 436 7.46 0.37 19.32
N ASN A 437 8.23 -0.26 20.19
CA ASN A 437 8.48 0.30 21.52
CA ASN A 437 8.48 0.30 21.52
C ASN A 437 9.14 1.68 21.43
N THR A 438 10.04 1.83 20.46
CA THR A 438 10.74 3.09 20.26
C THR A 438 9.75 4.20 19.91
N LEU A 439 8.83 3.88 19.00
CA LEU A 439 7.76 4.80 18.62
C LEU A 439 6.85 5.17 19.79
N VAL A 440 6.49 4.17 20.59
CA VAL A 440 5.67 4.42 21.78
C VAL A 440 6.38 5.40 22.71
N GLU A 441 7.70 5.25 22.83
CA GLU A 441 8.47 6.14 23.69
C GLU A 441 8.63 7.55 23.12
N VAL A 442 8.64 7.68 21.79
CA VAL A 442 8.64 9.02 21.21
C VAL A 442 7.36 9.75 21.62
N ILE A 443 6.24 9.03 21.57
CA ILE A 443 4.94 9.59 21.91
C ILE A 443 4.85 9.89 23.41
N SER A 444 5.36 8.98 24.23
CA SER A 444 5.43 9.16 25.69
C SER A 444 6.27 10.38 26.07
N SER A 445 7.35 10.59 25.35
CA SER A 445 8.33 11.61 25.70
C SER A 445 7.93 12.99 25.19
N SER A 446 6.97 13.01 24.28
CA SER A 446 6.52 14.24 23.64
C SER A 446 5.84 15.16 24.65
N1 UDP B . -9.15 -5.78 -1.44
C2 UDP B . -10.11 -6.65 -0.89
N3 UDP B . -10.99 -7.26 -1.69
C4 UDP B . -10.97 -7.07 -3.01
C5 UDP B . -10.03 -6.22 -3.59
C6 UDP B . -9.10 -5.56 -2.77
O2 UDP B . -10.16 -6.84 0.35
O4 UDP B . -11.83 -7.66 -3.72
C1' UDP B . -8.19 -5.10 -0.55
C2' UDP B . -6.82 -5.76 -0.56
O2' UDP B . -6.77 -6.91 0.30
C3' UDP B . -5.91 -4.63 -0.10
C4' UDP B . -6.59 -3.40 -0.69
O4' UDP B . -7.93 -3.76 -0.99
O3' UDP B . -5.96 -4.51 1.33
C5' UDP B . -5.90 -3.03 -1.99
O5' UDP B . -4.88 -2.08 -1.72
PA UDP B . -3.55 -2.08 -2.60
O1A UDP B . -2.54 -1.21 -1.88
O2A UDP B . -3.16 -3.50 -2.91
O3A UDP B . -4.01 -1.44 -4.02
PB UDP B . -5.03 -0.21 -4.37
O1B UDP B . -4.80 0.86 -3.32
O2B UDP B . -6.42 -0.81 -4.38
O3B UDP B . -4.57 0.18 -5.75
C1 GOL C . -0.88 2.68 -0.84
O1 GOL C . -1.43 2.21 0.39
C2 GOL C . -0.67 1.51 -1.82
O2 GOL C . -1.86 1.24 -2.56
C3 GOL C . 0.43 1.94 -2.77
O3 GOL C . 0.94 0.80 -3.49
C1 GOL D . 4.58 1.03 -13.44
O1 GOL D . 4.72 -0.02 -14.41
C2 GOL D . 4.35 2.34 -14.18
O2 GOL D . 5.21 2.42 -15.33
C3 GOL D . 4.67 3.49 -13.22
O3 GOL D . 4.84 4.72 -13.94
C ACT E . -8.27 9.35 26.60
O ACT E . -8.15 10.29 25.79
OXT ACT E . -7.30 8.90 27.27
CH3 ACT E . -9.64 8.77 26.81
#